data_6BQ5
#
_entry.id   6BQ5
#
_cell.length_a   82.766
_cell.length_b   82.766
_cell.length_c   164.194
_cell.angle_alpha   90.00
_cell.angle_beta   90.00
_cell.angle_gamma   90.00
#
_symmetry.space_group_name_H-M   'P 43 21 2'
#
loop_
_entity.id
_entity.type
_entity.pdbx_description
1 polymer 'Thermospermine synthase ACAULIS protein'
2 non-polymer 2-[3-(2-HYDROXY-1,1-DIHYDROXYMETHYL-ETHYLAMINO)-PROPYLAMINO]-2-HYDROXYMETHYL-PROPANE-1,3-DIOL
3 non-polymer "5'-DEOXY-5'-METHYLTHIOADENOSINE"
4 non-polymer GLYCEROL
5 water water
#
_entity_poly.entity_id   1
_entity_poly.type   'polypeptide(L)'
_entity_poly.pdbx_seq_one_letter_code
;SNAMGEVAYTNGNGNDKSHSPPNGYRKSCWYEEEIEENLRWCFALNSILHTGASQYQDIALLDTKPFGKALVLDGKLQSA
ETDEFIYHECLVHPALLHHPMPKNVFIMGGGEGSTARELLRHKTIDKVVMCDIDEEVVEFCKSYLVVNKEAFHDSRLEVV
INDAKAELEGKEEKYDVIVGDLADPIEGGPCYKLYTKDFYELTLKPKLKKGGIFVTQAGPAGIFSHTEVFSCIYNTLRQV
FKYVVPYSAHIPSYADIWGWVLASDSPLDLSAEELDIRMRQRIIEENRYLDGKTFVSSSTLSKAVRNSLNNETHVYTEGA
ARFIYGHGKNA
;
_entity_poly.pdbx_strand_id   A,B
#
loop_
_chem_comp.id
_chem_comp.type
_chem_comp.name
_chem_comp.formula
B3P non-polymer 2-[3-(2-HYDROXY-1,1-DIHYDROXYMETHYL-ETHYLAMINO)-PROPYLAMINO]-2-HYDROXYMETHYL-PROPANE-1,3-DIOL 'C11 H26 N2 O6'
GOL non-polymer GLYCEROL 'C3 H8 O3'
MTA non-polymer 5'-DEOXY-5'-METHYLTHIOADENOSINE 'C11 H15 N5 O3 S'
#
# COMPACT_ATOMS: atom_id res chain seq x y z
N LYS A 27 8.06 19.02 -18.56
CA LYS A 27 6.61 19.18 -18.88
C LYS A 27 5.99 20.44 -18.28
N SER A 28 5.12 21.04 -19.07
CA SER A 28 4.75 22.41 -18.86
C SER A 28 3.46 22.60 -18.03
N CYS A 29 2.44 21.73 -18.20
CA CYS A 29 1.13 21.91 -17.57
C CYS A 29 0.93 20.87 -16.44
N TRP A 30 0.50 21.33 -15.27
CA TRP A 30 0.36 20.51 -14.07
C TRP A 30 -0.96 20.75 -13.39
N TYR A 31 -1.56 19.67 -12.86
CA TYR A 31 -2.61 19.79 -11.87
C TYR A 31 -1.95 19.50 -10.52
N GLU A 32 -2.22 20.33 -9.55
CA GLU A 32 -1.63 20.23 -8.26
C GLU A 32 -2.72 20.12 -7.22
N GLU A 33 -2.56 19.17 -6.30
CA GLU A 33 -3.51 19.08 -5.23
C GLU A 33 -2.77 18.95 -3.91
N GLU A 34 -3.16 19.73 -2.92
CA GLU A 34 -2.54 19.58 -1.60
C GLU A 34 -3.29 18.44 -0.90
N ILE A 35 -2.76 17.22 -0.96
CA ILE A 35 -3.53 16.08 -0.47
C ILE A 35 -3.43 15.92 1.05
N GLU A 36 -2.54 16.63 1.69
CA GLU A 36 -2.47 16.64 3.13
C GLU A 36 -1.77 17.95 3.37
N GLU A 37 -1.86 18.47 4.57
CA GLU A 37 -1.24 19.76 4.86
C GLU A 37 0.25 19.63 4.57
N ASN A 38 0.78 20.56 3.80
CA ASN A 38 2.22 20.59 3.51
C ASN A 38 2.69 19.49 2.53
N LEU A 39 1.74 18.87 1.84
CA LEU A 39 2.07 17.79 0.95
C LEU A 39 1.34 18.00 -0.37
N ARG A 40 2.08 18.21 -1.48
CA ARG A 40 1.47 18.43 -2.80
C ARG A 40 1.77 17.30 -3.72
N TRP A 41 0.74 16.87 -4.43
CA TRP A 41 0.77 15.75 -5.38
C TRP A 41 0.46 16.38 -6.74
N CYS A 42 1.41 16.34 -7.68
CA CYS A 42 1.16 17.02 -8.98
C CYS A 42 1.24 16.07 -10.17
N PHE A 43 0.26 16.17 -11.06
CA PHE A 43 0.12 15.31 -12.24
C PHE A 43 0.30 16.23 -13.46
N ALA A 44 1.17 15.84 -14.39
CA ALA A 44 1.26 16.56 -15.69
C ALA A 44 -0.02 16.37 -16.49
N LEU A 45 -0.46 17.43 -17.17
CA LEU A 45 -1.73 17.46 -17.90
C LEU A 45 -1.53 17.46 -19.40
N ASN A 46 -2.36 16.67 -20.09
CA ASN A 46 -2.55 16.78 -21.53
C ASN A 46 -3.59 17.86 -21.80
N SER A 47 -4.71 17.87 -21.06
CA SER A 47 -5.73 18.88 -21.24
C SER A 47 -6.75 18.94 -20.13
N ILE A 48 -7.62 19.93 -20.21
CA ILE A 48 -8.74 20.06 -19.30
C ILE A 48 -9.96 19.85 -20.16
N LEU A 49 -10.64 18.71 -19.98
CA LEU A 49 -11.59 18.26 -20.98
C LEU A 49 -12.91 19.00 -20.88
N HIS A 50 -13.52 18.96 -19.71
CA HIS A 50 -14.85 19.51 -19.52
C HIS A 50 -14.97 19.92 -18.08
N THR A 51 -15.89 20.83 -17.84
CA THR A 51 -16.20 21.30 -16.50
C THR A 51 -17.71 21.44 -16.30
N GLY A 52 -18.11 21.51 -15.05
CA GLY A 52 -19.50 21.62 -14.68
C GLY A 52 -19.62 22.13 -13.26
N ALA A 53 -20.85 22.35 -12.84
CA ALA A 53 -21.12 22.87 -11.51
C ALA A 53 -22.52 22.54 -11.09
N SER A 54 -22.73 22.54 -9.78
CA SER A 54 -24.04 22.30 -9.16
C SER A 54 -24.05 23.06 -7.84
N GLN A 55 -25.21 23.04 -7.20
CA GLN A 55 -25.41 23.45 -5.83
C GLN A 55 -24.49 22.73 -4.84
N TYR A 56 -24.09 21.50 -5.16
CA TYR A 56 -23.31 20.68 -4.22
C TYR A 56 -21.81 20.77 -4.48
N GLN A 57 -21.36 20.94 -5.74
CA GLN A 57 -19.94 20.90 -6.04
C GLN A 57 -19.57 21.37 -7.47
N ASP A 58 -18.32 21.80 -7.59
CA ASP A 58 -17.69 22.02 -8.88
C ASP A 58 -17.19 20.69 -9.41
N ILE A 59 -17.18 20.58 -10.73
CA ILE A 59 -16.88 19.34 -11.45
C ILE A 59 -15.85 19.59 -12.54
N ALA A 60 -14.84 18.74 -12.65
CA ALA A 60 -13.89 18.82 -13.74
C ALA A 60 -13.39 17.47 -14.15
N LEU A 61 -13.09 17.35 -15.45
CA LEU A 61 -12.46 16.17 -16.00
C LEU A 61 -11.15 16.58 -16.64
N LEU A 62 -10.05 16.10 -16.11
CA LEU A 62 -8.72 16.41 -16.61
C LEU A 62 -8.18 15.23 -17.39
N ASP A 63 -7.39 15.51 -18.43
CA ASP A 63 -6.69 14.45 -19.11
C ASP A 63 -5.24 14.51 -18.61
N THR A 64 -4.86 13.60 -17.71
CA THR A 64 -3.56 13.57 -17.10
C THR A 64 -2.61 12.56 -17.71
N LYS A 65 -1.32 12.84 -17.62
CA LYS A 65 -0.31 11.98 -18.18
C LYS A 65 -0.12 10.75 -17.33
N PRO A 66 0.07 10.92 -16.03
CA PRO A 66 0.31 9.66 -15.28
C PRO A 66 -0.91 8.76 -15.11
N PHE A 67 -2.11 9.31 -15.09
CA PHE A 67 -3.28 8.54 -14.68
C PHE A 67 -4.48 8.55 -15.61
N GLY A 68 -4.30 9.08 -16.84
CA GLY A 68 -5.39 9.20 -17.78
C GLY A 68 -6.42 10.21 -17.31
N LYS A 69 -7.66 10.02 -17.75
CA LYS A 69 -8.73 10.97 -17.43
C LYS A 69 -9.10 10.85 -15.98
N ALA A 70 -9.19 12.00 -15.31
CA ALA A 70 -9.38 12.09 -13.87
C ALA A 70 -10.56 13.04 -13.55
N LEU A 71 -11.54 12.52 -12.80
CA LEU A 71 -12.69 13.25 -12.34
C LEU A 71 -12.28 13.93 -11.06
N VAL A 72 -12.47 15.25 -11.03
CA VAL A 72 -12.19 16.08 -9.86
C VAL A 72 -13.47 16.79 -9.42
N LEU A 73 -13.81 16.68 -8.11
CA LEU A 73 -14.97 17.31 -7.49
C LEU A 73 -14.49 18.22 -6.36
N ASP A 74 -14.92 19.47 -6.39
CA ASP A 74 -14.41 20.49 -5.52
C ASP A 74 -12.90 20.48 -5.39
N GLY A 75 -12.19 20.30 -6.50
CA GLY A 75 -10.72 20.33 -6.47
C GLY A 75 -10.04 19.16 -5.78
N LYS A 76 -10.79 18.06 -5.65
CA LYS A 76 -10.31 16.82 -5.03
C LYS A 76 -10.46 15.70 -5.99
N LEU A 77 -9.36 15.00 -6.25
CA LEU A 77 -9.38 13.85 -7.16
C LEU A 77 -10.34 12.79 -6.64
N GLN A 78 -11.22 12.32 -7.53
CA GLN A 78 -12.14 11.19 -7.22
C GLN A 78 -11.73 9.86 -7.87
N SER A 79 -11.67 9.83 -9.18
CA SER A 79 -11.46 8.62 -9.94
C SER A 79 -10.53 8.95 -11.08
N ALA A 80 -9.46 8.16 -11.21
CA ALA A 80 -8.55 8.27 -12.36
C ALA A 80 -8.63 7.03 -13.23
N GLU A 81 -8.63 7.20 -14.54
CA GLU A 81 -8.80 6.14 -15.52
C GLU A 81 -7.84 4.93 -15.29
N THR A 82 -6.56 5.20 -15.00
CA THR A 82 -5.57 4.12 -14.97
C THR A 82 -5.75 3.18 -13.78
N ASP A 83 -6.26 3.70 -12.65
CA ASP A 83 -6.41 2.88 -11.44
C ASP A 83 -7.72 2.84 -10.71
N GLU A 84 -8.77 3.48 -11.21
CA GLU A 84 -10.08 3.44 -10.50
C GLU A 84 -10.62 2.00 -10.40
N PHE A 85 -10.19 1.10 -11.28
CA PHE A 85 -10.54 -0.33 -11.16
C PHE A 85 -10.27 -0.92 -9.80
N ILE A 86 -9.19 -0.49 -9.15
CA ILE A 86 -8.82 -0.98 -7.86
C ILE A 86 -9.90 -0.58 -6.83
N TYR A 87 -10.19 0.71 -6.72
CA TYR A 87 -11.18 1.18 -5.78
C TYR A 87 -12.51 0.50 -6.03
N HIS A 88 -12.93 0.44 -7.30
CA HIS A 88 -14.28 -0.06 -7.61
C HIS A 88 -14.40 -1.60 -7.48
N GLU A 89 -13.35 -2.33 -7.82
CA GLU A 89 -13.38 -3.80 -7.59
C GLU A 89 -13.38 -4.09 -6.09
N CYS A 90 -12.53 -3.37 -5.36
CA CYS A 90 -12.53 -3.50 -3.90
C CYS A 90 -13.82 -3.15 -3.20
N LEU A 91 -14.46 -2.09 -3.62
CA LEU A 91 -15.70 -1.65 -3.03
C LEU A 91 -16.89 -2.65 -3.28
N VAL A 92 -16.92 -3.29 -4.45
CA VAL A 92 -18.09 -4.00 -4.90
C VAL A 92 -18.00 -5.52 -4.68
N HIS A 93 -16.92 -6.13 -5.18
CA HIS A 93 -16.90 -7.60 -5.35
C HIS A 93 -16.88 -8.41 -4.07
N PRO A 94 -16.06 -8.04 -3.08
CA PRO A 94 -16.15 -8.77 -1.78
C PRO A 94 -17.56 -8.88 -1.23
N ALA A 95 -18.31 -7.78 -1.20
CA ALA A 95 -19.68 -7.84 -0.63
C ALA A 95 -20.57 -8.82 -1.40
N LEU A 96 -20.60 -8.71 -2.72
CA LEU A 96 -21.46 -9.63 -3.51
C LEU A 96 -21.00 -11.08 -3.47
N LEU A 97 -19.69 -11.30 -3.52
CA LEU A 97 -19.15 -12.66 -3.49
C LEU A 97 -19.48 -13.40 -2.19
N HIS A 98 -19.53 -12.67 -1.07
CA HIS A 98 -19.86 -13.28 0.24
C HIS A 98 -21.36 -13.50 0.38
N HIS A 99 -22.18 -12.93 -0.47
CA HIS A 99 -23.62 -13.23 -0.45
C HIS A 99 -23.94 -14.51 -1.26
N PRO A 100 -24.84 -15.37 -0.74
CA PRO A 100 -25.20 -16.60 -1.50
C PRO A 100 -25.84 -16.33 -2.88
N MET A 101 -26.58 -15.25 -3.00
CA MET A 101 -27.30 -14.93 -4.23
C MET A 101 -27.77 -13.47 -4.22
N PRO A 102 -26.88 -12.50 -4.52
CA PRO A 102 -27.22 -11.11 -4.47
C PRO A 102 -27.92 -10.63 -5.75
N LYS A 103 -29.09 -10.06 -5.58
CA LYS A 103 -29.99 -9.77 -6.71
C LYS A 103 -30.31 -8.31 -6.91
N ASN A 104 -30.78 -7.71 -5.82
N ASN A 104 -30.62 -7.56 -5.85
CA ASN A 104 -30.96 -6.28 -5.78
CA ASN A 104 -30.91 -6.12 -6.01
C ASN A 104 -29.90 -5.60 -4.85
C ASN A 104 -29.97 -5.21 -5.13
N VAL A 105 -29.49 -4.41 -5.30
N VAL A 105 -29.26 -4.23 -5.71
CA VAL A 105 -28.43 -3.59 -4.69
CA VAL A 105 -28.29 -3.47 -4.90
C VAL A 105 -28.73 -2.11 -4.87
C VAL A 105 -28.61 -2.02 -4.95
N PHE A 106 -28.46 -1.33 -3.81
CA PHE A 106 -28.70 0.11 -3.72
C PHE A 106 -27.33 0.78 -3.46
N ILE A 107 -26.94 1.75 -4.32
CA ILE A 107 -25.69 2.48 -4.20
C ILE A 107 -26.04 3.85 -3.57
N MET A 108 -25.46 4.15 -2.41
CA MET A 108 -25.46 5.52 -1.87
C MET A 108 -24.30 6.32 -2.53
N GLY A 109 -24.70 7.24 -3.39
CA GLY A 109 -23.80 8.01 -4.23
C GLY A 109 -23.62 7.30 -5.56
N GLY A 110 -22.38 7.17 -5.99
CA GLY A 110 -22.10 6.47 -7.24
C GLY A 110 -22.48 7.18 -8.52
N GLY A 111 -22.70 8.51 -8.45
CA GLY A 111 -22.91 9.26 -9.68
C GLY A 111 -21.85 9.09 -10.76
N GLU A 112 -20.61 8.80 -10.37
CA GLU A 112 -19.52 8.59 -11.31
C GLU A 112 -19.69 7.37 -12.23
N GLY A 113 -20.36 6.34 -11.73
CA GLY A 113 -20.81 5.21 -12.53
C GLY A 113 -19.95 3.94 -12.51
N SER A 114 -18.76 3.99 -11.91
CA SER A 114 -17.87 2.84 -11.94
C SER A 114 -18.35 1.74 -10.94
N THR A 115 -18.96 2.13 -9.82
CA THR A 115 -19.57 1.21 -8.86
C THR A 115 -20.68 0.40 -9.55
N ALA A 116 -21.54 1.09 -10.26
CA ALA A 116 -22.54 0.45 -11.08
C ALA A 116 -21.92 -0.51 -12.10
N ARG A 117 -20.92 -0.02 -12.81
CA ARG A 117 -20.23 -0.82 -13.81
C ARG A 117 -19.80 -2.16 -13.23
N GLU A 118 -19.18 -2.12 -12.04
CA GLU A 118 -18.71 -3.33 -11.40
C GLU A 118 -19.84 -4.23 -10.92
N LEU A 119 -20.87 -3.66 -10.28
CA LEU A 119 -22.04 -4.42 -9.85
C LEU A 119 -22.71 -5.14 -11.01
N LEU A 120 -22.77 -4.49 -12.17
CA LEU A 120 -23.43 -5.04 -13.36
C LEU A 120 -22.63 -6.14 -14.05
N ARG A 121 -21.37 -6.31 -13.64
CA ARG A 121 -20.60 -7.47 -14.04
C ARG A 121 -21.07 -8.80 -13.39
N HIS A 122 -21.95 -8.74 -12.38
CA HIS A 122 -22.43 -9.90 -11.70
C HIS A 122 -23.71 -10.44 -12.39
N LYS A 123 -23.68 -11.74 -12.72
CA LYS A 123 -24.79 -12.43 -13.40
C LYS A 123 -26.01 -12.62 -12.50
N THR A 124 -25.83 -12.57 -11.20
CA THR A 124 -26.92 -12.72 -10.26
C THR A 124 -27.75 -11.47 -10.10
N ILE A 125 -27.19 -10.32 -10.51
CA ILE A 125 -27.81 -9.03 -10.23
C ILE A 125 -28.91 -8.79 -11.26
N ASP A 126 -30.08 -8.39 -10.76
CA ASP A 126 -31.24 -8.08 -11.58
C ASP A 126 -31.64 -6.62 -11.50
N LYS A 127 -31.26 -5.92 -10.43
CA LYS A 127 -31.57 -4.51 -10.24
C LYS A 127 -30.47 -3.75 -9.44
N VAL A 128 -30.05 -2.59 -9.96
CA VAL A 128 -29.09 -1.70 -9.33
C VAL A 128 -29.72 -0.32 -9.21
N VAL A 129 -29.96 0.14 -7.99
CA VAL A 129 -30.41 1.53 -7.76
C VAL A 129 -29.18 2.40 -7.47
N MET A 130 -28.87 3.40 -8.32
CA MET A 130 -27.82 4.42 -8.01
C MET A 130 -28.57 5.65 -7.54
N CYS A 131 -28.47 5.94 -6.25
CA CYS A 131 -29.06 7.11 -5.63
C CYS A 131 -27.97 8.14 -5.29
N ASP A 132 -27.77 9.10 -6.20
CA ASP A 132 -26.83 10.23 -6.01
C ASP A 132 -27.60 11.54 -5.87
N ILE A 133 -27.19 12.35 -4.91
CA ILE A 133 -27.84 13.62 -4.62
C ILE A 133 -27.65 14.67 -5.73
N ASP A 134 -26.61 14.53 -6.54
CA ASP A 134 -26.25 15.56 -7.52
C ASP A 134 -26.41 15.07 -8.97
N GLU A 135 -27.52 15.44 -9.59
CA GLU A 135 -27.78 15.14 -11.00
C GLU A 135 -26.70 15.63 -11.96
N GLU A 136 -26.09 16.79 -11.67
CA GLU A 136 -25.00 17.29 -12.51
C GLU A 136 -23.82 16.32 -12.57
N VAL A 137 -23.51 15.69 -11.44
CA VAL A 137 -22.43 14.66 -11.41
C VAL A 137 -22.83 13.49 -12.29
N VAL A 138 -24.07 13.02 -12.12
CA VAL A 138 -24.57 11.90 -12.92
C VAL A 138 -24.46 12.19 -14.42
N GLU A 139 -24.99 13.33 -14.82
CA GLU A 139 -25.05 13.68 -16.24
C GLU A 139 -23.69 13.98 -16.80
N PHE A 140 -22.87 14.63 -16.00
CA PHE A 140 -21.48 14.88 -16.41
C PHE A 140 -20.79 13.56 -16.73
N CYS A 141 -20.90 12.59 -15.83
CA CYS A 141 -20.14 11.32 -16.01
C CYS A 141 -20.77 10.46 -17.09
N LYS A 142 -22.11 10.49 -17.15
CA LYS A 142 -22.85 9.76 -18.16
C LYS A 142 -22.47 10.28 -19.52
N SER A 143 -22.20 11.60 -19.64
CA SER A 143 -21.78 12.21 -20.88
C SER A 143 -20.32 11.93 -21.20
N TYR A 144 -19.44 12.01 -20.21
CA TYR A 144 -18.00 12.12 -20.46
C TYR A 144 -17.07 10.99 -19.97
N LEU A 145 -17.56 10.09 -19.12
CA LEU A 145 -16.77 8.94 -18.68
C LEU A 145 -17.13 7.73 -19.52
N VAL A 146 -16.37 7.53 -20.60
CA VAL A 146 -16.67 6.57 -21.67
C VAL A 146 -16.75 5.13 -21.13
N VAL A 147 -15.82 4.79 -20.25
CA VAL A 147 -15.75 3.47 -19.64
C VAL A 147 -17.06 3.06 -18.95
N ASN A 148 -17.89 4.00 -18.53
CA ASN A 148 -19.18 3.69 -17.89
C ASN A 148 -20.43 3.87 -18.74
N LYS A 149 -20.26 4.21 -20.02
CA LYS A 149 -21.36 4.40 -20.98
C LYS A 149 -22.30 3.21 -21.00
N GLU A 150 -21.73 2.05 -21.20
CA GLU A 150 -22.51 0.84 -21.25
C GLU A 150 -23.26 0.60 -19.94
N ALA A 151 -22.60 0.85 -18.79
CA ALA A 151 -23.19 0.66 -17.46
C ALA A 151 -24.41 1.56 -17.23
N PHE A 152 -24.28 2.83 -17.59
CA PHE A 152 -25.40 3.80 -17.50
C PHE A 152 -26.64 3.43 -18.36
N HIS A 153 -26.45 2.60 -19.39
CA HIS A 153 -27.53 2.21 -20.33
C HIS A 153 -28.02 0.79 -20.12
N ASP A 154 -27.49 0.11 -19.09
CA ASP A 154 -27.90 -1.23 -18.76
C ASP A 154 -29.34 -1.09 -18.23
N SER A 155 -30.23 -1.97 -18.71
CA SER A 155 -31.66 -1.94 -18.29
C SER A 155 -31.91 -2.34 -16.79
N ARG A 156 -30.90 -2.96 -16.17
CA ARG A 156 -30.99 -3.27 -14.72
C ARG A 156 -30.73 -2.00 -13.86
N LEU A 157 -30.09 -0.99 -14.45
CA LEU A 157 -29.70 0.20 -13.69
C LEU A 157 -30.82 1.19 -13.61
N GLU A 158 -31.16 1.57 -12.39
CA GLU A 158 -32.10 2.68 -12.18
C GLU A 158 -31.40 3.84 -11.46
N VAL A 159 -31.43 5.03 -12.06
CA VAL A 159 -30.86 6.23 -11.47
C VAL A 159 -31.94 7.02 -10.69
N VAL A 160 -31.66 7.32 -9.43
CA VAL A 160 -32.49 8.16 -8.59
C VAL A 160 -31.66 9.34 -8.12
N ILE A 161 -32.20 10.54 -8.33
CA ILE A 161 -31.55 11.77 -7.87
C ILE A 161 -32.12 12.18 -6.51
N ASN A 162 -31.46 11.80 -5.44
CA ASN A 162 -31.90 12.14 -4.10
C ASN A 162 -30.80 12.02 -3.04
N ASP A 163 -31.02 12.61 -1.87
CA ASP A 163 -30.25 12.23 -0.69
C ASP A 163 -30.55 10.73 -0.38
N ALA A 164 -29.50 9.90 -0.28
CA ALA A 164 -29.69 8.45 -0.09
C ALA A 164 -30.35 8.13 1.25
N LYS A 165 -30.15 8.98 2.26
CA LYS A 165 -30.77 8.80 3.56
C LYS A 165 -32.30 9.02 3.43
N ALA A 166 -32.70 10.17 2.93
CA ALA A 166 -34.14 10.42 2.67
C ALA A 166 -34.73 9.33 1.80
N GLU A 167 -34.07 9.01 0.69
CA GLU A 167 -34.55 7.98 -0.25
C GLU A 167 -34.76 6.61 0.41
N LEU A 168 -33.85 6.20 1.28
CA LEU A 168 -33.99 4.93 2.00
C LEU A 168 -35.16 4.93 2.99
N GLU A 169 -35.29 6.00 3.77
CA GLU A 169 -36.43 6.22 4.70
C GLU A 169 -37.80 6.28 4.01
N GLY A 170 -37.87 6.89 2.82
CA GLY A 170 -39.11 7.10 2.09
C GLY A 170 -39.60 5.93 1.24
N LYS A 171 -38.86 4.81 1.18
CA LYS A 171 -39.25 3.66 0.34
C LYS A 171 -39.12 2.41 1.18
N GLU A 172 -40.10 1.53 1.10
CA GLU A 172 -40.02 0.36 1.95
C GLU A 172 -39.18 -0.80 1.41
N GLU A 173 -38.78 -0.71 0.14
CA GLU A 173 -38.00 -1.74 -0.49
C GLU A 173 -36.69 -2.04 0.25
N LYS A 174 -36.35 -3.32 0.30
CA LYS A 174 -35.15 -3.84 0.95
C LYS A 174 -34.20 -4.49 -0.07
N TYR A 175 -32.90 -4.54 0.28
CA TYR A 175 -31.85 -4.87 -0.68
C TYR A 175 -30.99 -5.98 -0.14
N ASP A 176 -30.45 -6.82 -1.03
CA ASP A 176 -29.47 -7.85 -0.62
C ASP A 176 -28.12 -7.23 -0.26
N VAL A 177 -27.72 -6.19 -0.98
CA VAL A 177 -26.48 -5.46 -0.67
C VAL A 177 -26.76 -3.95 -0.72
N ILE A 178 -26.30 -3.20 0.26
CA ILE A 178 -26.22 -1.74 0.15
C ILE A 178 -24.73 -1.30 0.11
N VAL A 179 -24.41 -0.40 -0.81
CA VAL A 179 -23.08 0.10 -1.06
C VAL A 179 -22.95 1.60 -0.76
N GLY A 180 -22.09 1.94 0.21
CA GLY A 180 -21.73 3.32 0.51
C GLY A 180 -20.58 3.80 -0.34
N ASP A 181 -20.86 4.72 -1.26
CA ASP A 181 -19.86 5.28 -2.18
C ASP A 181 -19.85 6.79 -2.02
N LEU A 182 -19.86 7.24 -0.77
CA LEU A 182 -19.92 8.65 -0.43
C LEU A 182 -18.56 9.23 -0.09
N ALA A 183 -18.54 10.55 0.16
CA ALA A 183 -17.43 11.22 0.77
C ALA A 183 -17.26 10.77 2.23
N ASP A 184 -16.06 10.99 2.71
CA ASP A 184 -15.70 10.78 4.12
C ASP A 184 -16.60 11.54 5.12
N PRO A 185 -16.95 10.93 6.27
CA PRO A 185 -17.73 11.65 7.27
C PRO A 185 -16.90 12.73 7.90
N ILE A 186 -17.11 13.96 7.48
CA ILE A 186 -16.48 15.13 8.13
C ILE A 186 -17.57 15.83 8.93
N GLU A 187 -17.27 16.13 10.20
CA GLU A 187 -18.19 16.87 11.09
C GLU A 187 -18.75 18.16 10.45
N GLY A 188 -20.08 18.32 10.49
CA GLY A 188 -20.78 19.39 9.80
C GLY A 188 -20.84 19.29 8.28
N GLY A 189 -20.36 18.18 7.72
CA GLY A 189 -20.34 17.96 6.26
C GLY A 189 -21.59 17.24 5.79
N PRO A 190 -21.85 17.25 4.47
CA PRO A 190 -23.08 16.71 3.89
C PRO A 190 -23.25 15.19 4.04
N CYS A 191 -22.14 14.45 4.13
CA CYS A 191 -22.19 12.97 4.17
C CYS A 191 -22.13 12.37 5.59
N TYR A 192 -21.81 13.21 6.60
CA TYR A 192 -21.60 12.75 7.99
C TYR A 192 -22.71 11.88 8.48
N LYS A 193 -23.94 12.31 8.21
CA LYS A 193 -25.12 11.63 8.72
C LYS A 193 -25.33 10.24 8.14
N LEU A 194 -24.65 9.88 7.06
CA LEU A 194 -24.75 8.53 6.47
C LEU A 194 -23.67 7.56 7.02
N TYR A 195 -23.02 7.93 8.12
CA TYR A 195 -22.03 7.12 8.84
C TYR A 195 -22.31 6.96 10.35
N THR A 196 -23.48 7.41 10.83
CA THR A 196 -23.78 7.41 12.28
C THR A 196 -24.39 6.08 12.72
N LYS A 197 -24.26 5.75 14.00
CA LYS A 197 -24.89 4.56 14.55
C LYS A 197 -26.39 4.55 14.27
N ASP A 198 -27.03 5.69 14.55
CA ASP A 198 -28.47 5.83 14.33
C ASP A 198 -28.86 5.62 12.90
N PHE A 199 -28.09 6.18 11.96
CA PHE A 199 -28.35 5.91 10.53
C PHE A 199 -28.32 4.39 10.20
N TYR A 200 -27.25 3.74 10.65
CA TYR A 200 -27.07 2.33 10.34
C TYR A 200 -28.18 1.48 10.99
N GLU A 201 -28.44 1.77 12.27
CA GLU A 201 -29.39 1.03 13.07
C GLU A 201 -30.83 1.25 12.57
N LEU A 202 -31.24 2.51 12.39
CA LEU A 202 -32.66 2.85 12.17
C LEU A 202 -33.04 3.09 10.73
N THR A 203 -32.08 3.36 9.83
CA THR A 203 -32.41 3.63 8.45
C THR A 203 -31.90 2.51 7.54
N LEU A 204 -30.59 2.25 7.59
CA LEU A 204 -29.99 1.29 6.70
C LEU A 204 -30.34 -0.16 7.05
N LYS A 205 -30.16 -0.58 8.31
CA LYS A 205 -30.35 -1.98 8.67
C LYS A 205 -31.77 -2.50 8.35
N PRO A 206 -32.83 -1.69 8.61
CA PRO A 206 -34.18 -2.13 8.19
C PRO A 206 -34.39 -2.24 6.67
N LYS A 207 -33.48 -1.70 5.85
CA LYS A 207 -33.61 -1.87 4.39
C LYS A 207 -32.71 -2.93 3.80
N LEU A 208 -32.08 -3.74 4.66
CA LEU A 208 -31.39 -4.95 4.23
C LEU A 208 -32.32 -6.16 4.39
N LYS A 209 -32.43 -6.96 3.31
CA LYS A 209 -33.10 -8.24 3.38
C LYS A 209 -32.33 -9.13 4.35
N LYS A 210 -32.98 -10.21 4.75
CA LYS A 210 -32.35 -11.19 5.62
C LYS A 210 -31.12 -11.71 4.85
N GLY A 211 -30.02 -11.89 5.54
CA GLY A 211 -28.76 -12.26 4.89
C GLY A 211 -28.08 -11.12 4.15
N GLY A 212 -28.54 -9.89 4.45
CA GLY A 212 -28.13 -8.68 3.69
C GLY A 212 -26.70 -8.33 4.06
N ILE A 213 -25.98 -7.71 3.13
CA ILE A 213 -24.59 -7.24 3.37
C ILE A 213 -24.51 -5.72 3.04
N PHE A 214 -23.97 -4.95 3.96
CA PHE A 214 -23.58 -3.56 3.71
C PHE A 214 -22.07 -3.45 3.52
N VAL A 215 -21.65 -2.64 2.56
CA VAL A 215 -20.23 -2.28 2.42
C VAL A 215 -20.18 -0.81 2.22
N THR A 216 -19.22 -0.18 2.87
CA THR A 216 -18.94 1.24 2.65
C THR A 216 -17.46 1.49 2.45
N GLN A 217 -17.14 2.38 1.50
CA GLN A 217 -15.83 3.06 1.50
C GLN A 217 -15.63 3.69 2.91
N ALA A 218 -14.41 3.64 3.38
CA ALA A 218 -14.12 4.08 4.76
C ALA A 218 -12.87 4.94 4.90
N GLY A 219 -12.53 5.69 3.85
CA GLY A 219 -11.51 6.70 3.94
C GLY A 219 -10.12 6.15 3.81
N PRO A 220 -9.12 6.98 4.14
CA PRO A 220 -7.71 6.59 4.09
C PRO A 220 -7.42 5.51 5.13
N ALA A 221 -6.51 4.58 4.78
CA ALA A 221 -6.19 3.47 5.65
C ALA A 221 -4.70 3.26 5.71
N GLY A 222 -3.96 4.36 5.58
CA GLY A 222 -2.53 4.38 5.68
C GLY A 222 -2.06 4.16 7.09
N ILE A 223 -0.77 3.87 7.21
CA ILE A 223 -0.16 3.66 8.52
C ILE A 223 -0.46 4.76 9.57
N PHE A 224 -0.53 6.01 9.15
CA PHE A 224 -0.98 7.13 10.03
C PHE A 224 -2.37 7.61 9.67
N SER A 225 -2.71 7.68 8.37
CA SER A 225 -3.98 8.26 7.96
C SER A 225 -5.22 7.43 8.39
N HIS A 226 -5.02 6.15 8.76
CA HIS A 226 -6.13 5.25 9.19
C HIS A 226 -6.91 5.72 10.42
N THR A 227 -6.32 6.60 11.22
CA THR A 227 -7.01 7.13 12.40
C THR A 227 -8.00 8.27 12.12
N GLU A 228 -7.99 8.85 10.91
CA GLU A 228 -8.92 9.95 10.59
C GLU A 228 -10.39 9.52 10.64
N VAL A 229 -10.78 8.56 9.79
CA VAL A 229 -12.15 8.01 9.78
C VAL A 229 -12.25 6.46 9.76
N PHE A 230 -11.23 5.75 9.23
CA PHE A 230 -11.34 4.31 8.96
C PHE A 230 -11.60 3.59 10.25
N SER A 231 -10.87 3.92 11.31
CA SER A 231 -11.04 3.18 12.55
C SER A 231 -12.41 3.49 13.16
N CYS A 232 -12.87 4.73 13.05
CA CYS A 232 -14.18 5.13 13.58
C CYS A 232 -15.34 4.53 12.79
N ILE A 233 -15.19 4.42 11.46
CA ILE A 233 -16.22 3.78 10.67
C ILE A 233 -16.35 2.29 11.05
N TYR A 234 -15.20 1.60 11.19
CA TYR A 234 -15.19 0.20 11.64
C TYR A 234 -15.91 0.06 12.97
N ASN A 235 -15.56 0.94 13.91
CA ASN A 235 -16.09 0.77 15.27
C ASN A 235 -17.58 1.13 15.35
N THR A 236 -18.00 2.08 14.54
CA THR A 236 -19.40 2.43 14.49
C THR A 236 -20.22 1.24 13.95
N LEU A 237 -19.78 0.66 12.83
CA LEU A 237 -20.46 -0.51 12.30
C LEU A 237 -20.50 -1.69 13.29
N ARG A 238 -19.41 -1.87 14.05
CA ARG A 238 -19.33 -2.87 15.14
C ARG A 238 -20.43 -2.71 16.19
N GLN A 239 -20.93 -1.50 16.44
CA GLN A 239 -22.03 -1.30 17.39
C GLN A 239 -23.39 -1.82 16.90
N VAL A 240 -23.50 -2.11 15.60
CA VAL A 240 -24.76 -2.39 14.95
C VAL A 240 -24.82 -3.74 14.23
N PHE A 241 -23.71 -4.24 13.69
CA PHE A 241 -23.76 -5.50 12.93
C PHE A 241 -22.94 -6.51 13.67
N LYS A 242 -23.36 -7.76 13.62
CA LYS A 242 -22.63 -8.82 14.28
C LYS A 242 -21.27 -9.11 13.69
N TYR A 243 -21.15 -9.01 12.36
CA TYR A 243 -19.93 -9.39 11.67
C TYR A 243 -19.47 -8.22 10.85
N VAL A 244 -18.25 -7.75 11.14
CA VAL A 244 -17.70 -6.55 10.48
C VAL A 244 -16.25 -6.85 10.05
N VAL A 245 -15.95 -6.70 8.76
CA VAL A 245 -14.66 -7.03 8.19
C VAL A 245 -14.08 -5.80 7.47
N PRO A 246 -13.07 -5.18 8.07
CA PRO A 246 -12.35 -4.10 7.43
C PRO A 246 -11.26 -4.62 6.47
N TYR A 247 -11.03 -3.87 5.40
CA TYR A 247 -9.97 -4.26 4.46
C TYR A 247 -9.47 -3.05 3.70
N SER A 248 -8.29 -3.20 3.09
CA SER A 248 -7.64 -2.06 2.46
C SER A 248 -6.78 -2.41 1.27
N ALA A 249 -6.50 -1.42 0.41
CA ALA A 249 -5.67 -1.58 -0.75
C ALA A 249 -5.06 -0.22 -1.15
N HIS A 250 -3.84 -0.27 -1.68
CA HIS A 250 -3.17 0.91 -2.21
C HIS A 250 -3.84 1.38 -3.52
N ILE A 251 -4.06 2.69 -3.60
CA ILE A 251 -4.54 3.33 -4.82
C ILE A 251 -3.48 4.33 -5.30
N PRO A 252 -2.73 3.98 -6.33
CA PRO A 252 -1.60 4.84 -6.73
C PRO A 252 -1.95 6.34 -6.85
N SER A 253 -3.11 6.63 -7.46
CA SER A 253 -3.47 8.01 -7.76
C SER A 253 -3.80 8.81 -6.51
N TYR A 254 -4.17 8.12 -5.44
CA TYR A 254 -4.40 8.75 -4.13
C TYR A 254 -3.16 8.88 -3.27
N ALA A 255 -2.04 8.33 -3.70
CA ALA A 255 -0.81 8.27 -2.87
C ALA A 255 -1.10 7.83 -1.41
N ASP A 256 -2.03 6.88 -1.27
CA ASP A 256 -2.34 6.34 0.07
C ASP A 256 -2.99 5.00 -0.12
N ILE A 257 -3.10 4.31 1.00
CA ILE A 257 -3.92 3.13 1.14
C ILE A 257 -5.34 3.62 1.39
N TRP A 258 -6.30 2.96 0.77
CA TRP A 258 -7.66 3.23 1.03
C TRP A 258 -8.36 2.05 1.71
N GLY A 259 -9.45 2.37 2.41
CA GLY A 259 -10.18 1.40 3.21
C GLY A 259 -11.64 1.20 2.85
N TRP A 260 -12.13 -0.02 3.14
CA TRP A 260 -13.58 -0.37 3.00
C TRP A 260 -13.96 -1.23 4.19
N VAL A 261 -15.25 -1.24 4.54
CA VAL A 261 -15.70 -2.14 5.59
C VAL A 261 -16.96 -2.87 5.17
N LEU A 262 -16.91 -4.21 5.26
CA LEU A 262 -18.09 -5.07 5.12
C LEU A 262 -18.80 -5.20 6.45
N ALA A 263 -20.12 -5.27 6.40
CA ALA A 263 -20.92 -5.47 7.64
C ALA A 263 -22.21 -6.25 7.37
N SER A 264 -22.51 -7.20 8.23
CA SER A 264 -23.65 -8.11 8.02
C SER A 264 -24.00 -8.79 9.34
N ASP A 265 -25.23 -9.26 9.46
CA ASP A 265 -25.60 -10.11 10.62
C ASP A 265 -25.40 -11.57 10.34
N SER A 266 -24.93 -11.93 9.14
CA SER A 266 -24.40 -13.26 8.91
C SER A 266 -22.88 -13.21 8.70
N PRO A 267 -22.18 -14.31 9.01
CA PRO A 267 -20.73 -14.25 8.84
C PRO A 267 -20.26 -13.98 7.39
N LEU A 268 -19.05 -13.42 7.32
CA LEU A 268 -18.41 -12.99 6.07
C LEU A 268 -17.06 -13.69 6.03
N ASP A 269 -17.08 -14.97 5.67
CA ASP A 269 -15.93 -15.85 5.86
C ASP A 269 -15.88 -16.89 4.78
N LEU A 270 -15.09 -16.62 3.75
CA LEU A 270 -14.81 -17.61 2.69
C LEU A 270 -13.35 -17.72 2.44
N SER A 271 -12.92 -18.88 1.98
CA SER A 271 -11.50 -19.03 1.62
C SER A 271 -11.18 -18.28 0.30
N ALA A 272 -9.90 -18.10 0.01
CA ALA A 272 -9.45 -17.55 -1.26
C ALA A 272 -9.95 -18.41 -2.45
N GLU A 273 -9.91 -19.72 -2.25
CA GLU A 273 -10.28 -20.66 -3.25
C GLU A 273 -11.79 -20.57 -3.53
N GLU A 274 -12.57 -20.41 -2.48
CA GLU A 274 -14.01 -20.25 -2.64
C GLU A 274 -14.30 -18.96 -3.36
N LEU A 275 -13.59 -17.89 -2.98
CA LEU A 275 -13.80 -16.63 -3.64
C LEU A 275 -13.52 -16.73 -5.15
N ASP A 276 -12.41 -17.37 -5.50
CA ASP A 276 -12.03 -17.55 -6.90
C ASP A 276 -13.02 -18.37 -7.71
N ILE A 277 -13.59 -19.40 -7.11
CA ILE A 277 -14.61 -20.23 -7.78
C ILE A 277 -15.84 -19.40 -8.04
N ARG A 278 -16.26 -18.66 -6.99
CA ARG A 278 -17.42 -17.78 -7.10
C ARG A 278 -17.26 -16.66 -8.13
N MET A 279 -16.06 -16.11 -8.27
CA MET A 279 -15.81 -15.11 -9.33
C MET A 279 -15.99 -15.70 -10.71
N ARG A 280 -15.49 -16.93 -10.87
CA ARG A 280 -15.62 -17.69 -12.09
C ARG A 280 -17.08 -17.95 -12.40
N GLN A 281 -17.88 -18.24 -11.38
CA GLN A 281 -19.30 -18.57 -11.56
C GLN A 281 -20.15 -17.38 -11.85
N ARG A 282 -19.81 -16.24 -11.24
CA ARG A 282 -20.75 -15.15 -11.21
C ARG A 282 -20.40 -13.89 -11.93
N ILE A 283 -19.12 -13.66 -12.19
CA ILE A 283 -18.66 -12.36 -12.65
C ILE A 283 -18.23 -12.52 -14.09
N ILE A 284 -18.74 -11.64 -14.94
CA ILE A 284 -18.43 -11.62 -16.37
C ILE A 284 -17.04 -11.03 -16.60
N GLU A 285 -16.20 -11.78 -17.35
CA GLU A 285 -14.79 -11.46 -17.58
C GLU A 285 -13.97 -11.48 -16.27
N GLU A 286 -12.66 -11.41 -16.44
CA GLU A 286 -11.67 -11.44 -15.37
C GLU A 286 -11.56 -10.09 -14.67
N ASN A 287 -11.69 -10.10 -13.33
CA ASN A 287 -11.25 -8.97 -12.54
C ASN A 287 -9.80 -8.60 -12.87
N ARG A 288 -9.49 -7.32 -12.84
CA ARG A 288 -8.11 -6.88 -13.06
C ARG A 288 -7.30 -6.82 -11.77
N TYR A 289 -7.93 -6.53 -10.64
CA TYR A 289 -7.20 -6.33 -9.41
C TYR A 289 -7.34 -7.50 -8.46
N LEU A 290 -8.58 -7.90 -8.27
CA LEU A 290 -8.93 -8.72 -7.16
C LEU A 290 -9.03 -10.19 -7.53
N ASP A 291 -8.20 -11.02 -6.89
CA ASP A 291 -8.55 -12.44 -6.76
C ASP A 291 -8.72 -12.82 -5.28
N GLY A 292 -8.96 -14.11 -5.03
CA GLY A 292 -9.26 -14.52 -3.64
C GLY A 292 -8.14 -14.21 -2.65
N LYS A 293 -6.91 -14.55 -3.04
CA LYS A 293 -5.77 -14.28 -2.17
C LYS A 293 -5.58 -12.75 -1.96
N THR A 294 -5.82 -11.96 -3.00
CA THR A 294 -5.77 -10.50 -2.87
C THR A 294 -6.74 -10.04 -1.77
N PHE A 295 -7.98 -10.54 -1.78
CA PHE A 295 -8.90 -10.19 -0.69
C PHE A 295 -8.43 -10.61 0.70
N VAL A 296 -7.86 -11.80 0.82
CA VAL A 296 -7.30 -12.26 2.08
C VAL A 296 -6.22 -11.30 2.56
N SER A 297 -5.28 -10.95 1.66
CA SER A 297 -4.21 -10.02 1.99
C SER A 297 -4.83 -8.68 2.39
N SER A 298 -5.80 -8.20 1.59
CA SER A 298 -6.45 -6.92 1.91
C SER A 298 -7.08 -6.84 3.30
N SER A 299 -7.66 -7.93 3.73
CA SER A 299 -8.35 -7.99 5.01
C SER A 299 -7.42 -8.40 6.17
N THR A 300 -6.12 -8.52 5.91
CA THR A 300 -5.13 -8.74 6.96
C THR A 300 -4.36 -7.43 7.12
N LEU A 301 -4.82 -6.64 8.06
CA LEU A 301 -4.27 -5.31 8.29
C LEU A 301 -2.94 -5.41 9.04
N SER A 302 -2.12 -4.34 8.99
CA SER A 302 -0.82 -4.33 9.60
C SER A 302 -1.00 -4.17 11.09
N LYS A 303 0.10 -4.36 11.82
CA LYS A 303 0.04 -4.31 13.29
C LYS A 303 -0.63 -3.07 13.84
N ALA A 304 -0.17 -1.88 13.41
CA ALA A 304 -0.63 -0.65 14.05
C ALA A 304 -2.07 -0.36 13.67
N VAL A 305 -2.44 -0.74 12.46
CA VAL A 305 -3.80 -0.47 11.99
C VAL A 305 -4.77 -1.40 12.74
N ARG A 306 -4.45 -2.69 12.86
CA ARG A 306 -5.31 -3.63 13.62
C ARG A 306 -5.49 -3.16 15.06
N ASN A 307 -4.40 -2.73 15.66
CA ASN A 307 -4.42 -2.24 17.07
C ASN A 307 -5.36 -1.03 17.20
N SER A 308 -5.25 -0.06 16.27
CA SER A 308 -6.19 1.10 16.29
C SER A 308 -7.64 0.67 16.17
N LEU A 309 -7.93 -0.19 15.20
CA LEU A 309 -9.29 -0.64 14.98
C LEU A 309 -9.80 -1.38 16.20
N ASN A 310 -8.95 -2.20 16.80
CA ASN A 310 -9.39 -3.02 17.91
C ASN A 310 -9.49 -2.25 19.23
N ASN A 311 -8.76 -1.16 19.38
CA ASN A 311 -8.81 -0.34 20.60
C ASN A 311 -9.74 0.84 20.43
N GLU A 312 -10.27 1.10 19.23
CA GLU A 312 -11.07 2.31 19.00
C GLU A 312 -12.32 2.39 19.87
N THR A 313 -12.64 3.58 20.34
CA THR A 313 -13.89 3.82 21.09
C THR A 313 -14.84 4.89 20.53
N HIS A 314 -14.38 5.76 19.62
CA HIS A 314 -15.30 6.72 19.02
C HIS A 314 -16.36 6.00 18.21
N VAL A 315 -17.60 6.44 18.43
CA VAL A 315 -18.75 6.06 17.64
C VAL A 315 -19.29 7.33 17.03
N TYR A 316 -19.57 7.31 15.73
CA TYR A 316 -20.23 8.43 15.09
C TYR A 316 -21.73 8.45 15.50
N THR A 317 -22.13 9.58 16.08
CA THR A 317 -23.54 9.85 16.44
C THR A 317 -23.86 11.30 16.12
N GLU A 318 -25.15 11.59 15.91
CA GLU A 318 -25.61 12.96 15.56
C GLU A 318 -25.05 14.10 16.41
N LYS B 27 4.16 28.49 3.98
CA LYS B 27 3.82 27.74 2.73
C LYS B 27 4.78 28.04 1.54
N SER B 28 5.95 28.62 1.79
CA SER B 28 6.75 29.16 0.70
C SER B 28 7.87 28.27 0.18
N CYS B 29 8.47 27.44 1.04
CA CYS B 29 9.61 26.59 0.66
C CYS B 29 9.19 25.11 0.60
N TRP B 30 9.63 24.47 -0.50
CA TRP B 30 9.20 23.14 -0.87
C TRP B 30 10.36 22.33 -1.36
N TYR B 31 10.35 21.07 -0.98
CA TYR B 31 11.22 20.10 -1.61
C TYR B 31 10.37 19.36 -2.65
N GLU B 32 10.89 19.15 -3.85
CA GLU B 32 10.11 18.51 -4.89
C GLU B 32 10.90 17.35 -5.46
N GLU B 33 10.22 16.27 -5.72
CA GLU B 33 10.82 15.19 -6.44
C GLU B 33 9.89 14.68 -7.52
N GLU B 34 10.44 14.44 -8.70
CA GLU B 34 9.71 13.78 -9.76
C GLU B 34 9.85 12.29 -9.50
N ILE B 35 8.80 11.68 -8.94
CA ILE B 35 8.80 10.24 -8.61
C ILE B 35 8.87 9.33 -9.83
N GLU B 36 7.94 9.55 -10.70
CA GLU B 36 7.85 8.96 -12.00
C GLU B 36 7.72 10.19 -12.90
N GLU B 37 8.09 10.12 -14.14
CA GLU B 37 8.00 11.39 -14.83
C GLU B 37 6.52 11.76 -15.05
N ASN B 38 6.26 13.06 -15.08
CA ASN B 38 4.88 13.59 -15.08
C ASN B 38 4.16 13.40 -13.72
N LEU B 39 4.93 13.15 -12.66
CA LEU B 39 4.37 12.99 -11.31
C LEU B 39 5.33 13.59 -10.28
N ARG B 40 4.90 14.66 -9.63
CA ARG B 40 5.73 15.33 -8.64
C ARG B 40 5.11 15.25 -7.26
N TRP B 41 5.98 14.96 -6.29
CA TRP B 41 5.68 14.77 -4.87
C TRP B 41 6.38 15.94 -4.20
N CYS B 42 5.65 16.77 -3.46
CA CYS B 42 6.28 17.98 -2.87
C CYS B 42 5.98 18.08 -1.36
N PHE B 43 7.03 18.30 -0.57
CA PHE B 43 6.95 18.41 0.88
C PHE B 43 7.32 19.86 1.25
N ALA B 44 6.55 20.46 2.14
CA ALA B 44 6.91 21.81 2.64
C ALA B 44 8.17 21.67 3.49
N LEU B 45 9.07 22.65 3.38
CA LEU B 45 10.39 22.58 3.99
C LEU B 45 10.46 23.57 5.17
N ASN B 46 10.99 23.12 6.29
CA ASN B 46 11.38 23.98 7.41
C ASN B 46 12.74 24.49 7.19
N SER B 47 13.66 23.63 6.79
CA SER B 47 15.05 24.00 6.58
C SER B 47 15.82 22.95 5.86
N ILE B 48 17.01 23.37 5.43
CA ILE B 48 17.97 22.52 4.79
C ILE B 48 19.08 22.44 5.85
N LEU B 49 19.11 21.33 6.59
CA LEU B 49 19.83 21.29 7.87
C LEU B 49 21.34 21.13 7.76
N HIS B 50 21.77 20.21 6.93
CA HIS B 50 23.16 19.88 6.82
C HIS B 50 23.36 19.37 5.40
N THR B 51 24.58 19.47 4.96
CA THR B 51 24.94 18.87 3.71
C THR B 51 26.34 18.22 3.81
N GLY B 52 26.54 17.31 2.87
CA GLY B 52 27.84 16.93 2.34
C GLY B 52 27.74 16.69 0.82
N ALA B 53 28.82 16.15 0.28
CA ALA B 53 28.85 15.62 -1.10
C ALA B 53 30.13 14.80 -1.20
N SER B 54 30.07 13.72 -1.96
CA SER B 54 31.25 12.92 -2.17
C SER B 54 31.29 12.77 -3.66
N GLN B 55 32.32 12.08 -4.15
CA GLN B 55 32.33 11.77 -5.58
C GLN B 55 31.20 10.79 -5.92
N TYR B 56 30.74 10.01 -4.95
CA TYR B 56 29.71 9.01 -5.16
C TYR B 56 28.31 9.61 -5.28
N GLN B 57 27.99 10.64 -4.50
CA GLN B 57 26.67 11.22 -4.48
C GLN B 57 26.61 12.52 -3.70
N ASP B 58 25.62 13.37 -4.03
CA ASP B 58 25.23 14.52 -3.21
C ASP B 58 24.47 14.01 -1.97
N ILE B 59 24.68 14.64 -0.82
CA ILE B 59 24.09 14.24 0.46
C ILE B 59 23.40 15.44 1.09
N ALA B 60 22.14 15.31 1.49
CA ALA B 60 21.45 16.40 2.18
C ALA B 60 20.53 15.89 3.27
N LEU B 61 20.39 16.65 4.36
CA LEU B 61 19.40 16.39 5.36
C LEU B 61 18.45 17.59 5.40
N LEU B 62 17.19 17.34 5.08
CA LEU B 62 16.15 18.33 5.01
C LEU B 62 15.29 18.18 6.22
N ASP B 63 14.75 19.29 6.70
CA ASP B 63 13.81 19.21 7.77
C ASP B 63 12.50 19.59 7.10
N THR B 64 11.65 18.59 6.94
CA THR B 64 10.41 18.70 6.17
C THR B 64 9.25 18.70 7.11
N LYS B 65 8.17 19.32 6.69
CA LYS B 65 6.98 19.40 7.56
C LYS B 65 6.21 18.11 7.63
N PRO B 66 5.83 17.53 6.48
CA PRO B 66 5.01 16.29 6.62
C PRO B 66 5.81 15.04 7.16
N PHE B 67 7.08 14.92 6.87
CA PHE B 67 7.80 13.67 7.13
C PHE B 67 8.99 13.81 8.06
N GLY B 68 9.18 14.98 8.66
CA GLY B 68 10.29 15.25 9.56
C GLY B 68 11.58 15.35 8.79
N LYS B 69 12.67 14.97 9.45
CA LYS B 69 13.97 14.95 8.84
C LYS B 69 14.07 13.88 7.78
N ALA B 70 14.63 14.26 6.64
CA ALA B 70 14.69 13.46 5.43
C ALA B 70 16.08 13.47 4.84
N LEU B 71 16.67 12.28 4.75
CA LEU B 71 17.95 12.11 4.11
C LEU B 71 17.72 11.95 2.63
N VAL B 72 18.41 12.77 1.84
CA VAL B 72 18.28 12.81 0.39
C VAL B 72 19.67 12.58 -0.21
N LEU B 73 19.76 11.60 -1.12
CA LEU B 73 20.98 11.27 -1.81
C LEU B 73 20.75 11.47 -3.28
N ASP B 74 21.60 12.29 -3.91
CA ASP B 74 21.46 12.65 -5.35
C ASP B 74 20.06 13.16 -5.67
N GLY B 75 19.50 13.93 -4.76
CA GLY B 75 18.16 14.50 -4.90
C GLY B 75 17.02 13.52 -4.79
N LYS B 76 17.28 12.31 -4.26
CA LYS B 76 16.28 11.25 -4.12
C LYS B 76 16.12 10.96 -2.63
N LEU B 77 14.91 11.10 -2.12
CA LEU B 77 14.60 10.76 -0.76
C LEU B 77 14.96 9.31 -0.45
N GLN B 78 15.68 9.08 0.64
CA GLN B 78 16.11 7.74 1.08
C GLN B 78 15.36 7.39 2.33
N SER B 79 15.30 8.30 3.30
CA SER B 79 14.73 7.94 4.58
C SER B 79 14.15 9.19 5.23
N ALA B 80 12.90 9.08 5.60
CA ALA B 80 12.18 10.13 6.28
C ALA B 80 11.92 9.74 7.70
N GLU B 81 12.09 10.67 8.62
CA GLU B 81 11.94 10.42 10.02
C GLU B 81 10.68 9.69 10.42
N THR B 82 9.54 10.13 9.91
CA THR B 82 8.28 9.59 10.35
C THR B 82 8.03 8.15 9.95
N ASP B 83 8.61 7.70 8.86
CA ASP B 83 8.26 6.37 8.33
C ASP B 83 9.38 5.46 7.89
N GLU B 84 10.62 5.85 8.09
CA GLU B 84 11.70 4.95 7.73
C GLU B 84 11.66 3.64 8.53
N PHE B 85 11.10 3.66 9.74
CA PHE B 85 10.93 2.39 10.50
C PHE B 85 10.24 1.26 9.71
N ILE B 86 9.29 1.64 8.82
CA ILE B 86 8.61 0.69 7.98
C ILE B 86 9.57 -0.02 7.03
N TYR B 87 10.41 0.76 6.35
CA TYR B 87 11.36 0.21 5.42
C TYR B 87 12.38 -0.63 6.19
N HIS B 88 12.89 -0.15 7.32
CA HIS B 88 13.97 -0.87 8.00
C HIS B 88 13.48 -2.09 8.75
N GLU B 89 12.28 -2.02 9.30
CA GLU B 89 11.70 -3.22 9.95
C GLU B 89 11.39 -4.28 8.88
N CYS B 90 10.82 -3.86 7.74
CA CYS B 90 10.54 -4.84 6.66
C CYS B 90 11.80 -5.42 6.05
N LEU B 91 12.84 -4.64 5.85
CA LEU B 91 14.08 -5.14 5.29
C LEU B 91 14.79 -6.18 6.17
N VAL B 92 14.79 -5.95 7.50
CA VAL B 92 15.61 -6.69 8.43
C VAL B 92 14.90 -7.88 9.10
N HIS B 93 13.72 -7.64 9.69
CA HIS B 93 13.17 -8.61 10.68
C HIS B 93 12.70 -9.92 10.07
N PRO B 94 12.04 -9.90 8.89
CA PRO B 94 11.64 -11.22 8.35
C PRO B 94 12.80 -12.19 8.15
N ALA B 95 13.91 -11.72 7.58
CA ALA B 95 15.03 -12.60 7.33
C ALA B 95 15.60 -13.18 8.65
N LEU B 96 15.80 -12.35 9.65
CA LEU B 96 16.39 -12.84 10.90
C LEU B 96 15.47 -13.76 11.63
N LEU B 97 14.18 -13.46 11.60
CA LEU B 97 13.23 -14.25 12.32
C LEU B 97 13.00 -15.64 11.72
N HIS B 98 13.21 -15.79 10.41
CA HIS B 98 13.12 -17.08 9.74
C HIS B 98 14.33 -17.93 10.00
N HIS B 99 15.40 -17.33 10.47
CA HIS B 99 16.60 -18.05 10.84
C HIS B 99 16.51 -18.60 12.26
N PRO B 100 17.03 -19.83 12.47
CA PRO B 100 16.90 -20.42 13.81
C PRO B 100 17.73 -19.70 14.87
N MET B 101 18.90 -19.18 14.48
CA MET B 101 19.75 -18.52 15.41
C MET B 101 20.74 -17.62 14.69
N PRO B 102 20.28 -16.42 14.24
CA PRO B 102 21.18 -15.60 13.42
C PRO B 102 22.17 -14.86 14.29
N LYS B 103 23.47 -15.11 14.06
CA LYS B 103 24.58 -14.57 14.89
C LYS B 103 25.44 -13.50 14.22
N ASN B 104 25.77 -13.73 12.96
N ASN B 104 25.66 -13.63 12.91
CA ASN B 104 26.57 -12.78 12.24
CA ASN B 104 26.53 -12.72 12.14
C ASN B 104 25.97 -12.45 10.86
C ASN B 104 25.83 -12.16 10.86
N VAL B 105 26.10 -11.17 10.52
N VAL B 105 25.82 -10.84 10.64
CA VAL B 105 25.30 -10.53 9.46
CA VAL B 105 25.13 -10.34 9.46
C VAL B 105 26.10 -9.43 8.77
C VAL B 105 26.06 -9.36 8.76
N PHE B 106 26.01 -9.37 7.43
CA PHE B 106 26.76 -8.45 6.59
C PHE B 106 25.74 -7.60 5.84
N ILE B 107 25.88 -6.28 5.86
CA ILE B 107 24.97 -5.36 5.14
C ILE B 107 25.72 -4.85 3.92
N MET B 108 25.14 -5.00 2.75
CA MET B 108 25.64 -4.34 1.54
C MET B 108 24.99 -2.95 1.47
N GLY B 109 25.80 -1.92 1.68
CA GLY B 109 25.31 -0.52 1.80
C GLY B 109 25.08 -0.22 3.26
N GLY B 110 23.94 0.39 3.56
CA GLY B 110 23.54 0.66 4.97
C GLY B 110 24.24 1.82 5.68
N GLY B 111 24.97 2.68 4.94
CA GLY B 111 25.60 3.80 5.57
C GLY B 111 24.72 4.71 6.39
N GLU B 112 23.45 4.81 6.02
CA GLU B 112 22.44 5.61 6.77
C GLU B 112 22.28 5.10 8.22
N GLY B 113 22.57 3.81 8.47
CA GLY B 113 22.66 3.26 9.84
C GLY B 113 21.40 2.58 10.43
N SER B 114 20.26 2.75 9.82
CA SER B 114 19.02 2.25 10.37
C SER B 114 18.87 0.74 10.18
N THR B 115 19.39 0.19 9.10
CA THR B 115 19.44 -1.23 8.91
C THR B 115 20.24 -1.88 10.06
N ALA B 116 21.42 -1.35 10.31
CA ALA B 116 22.19 -1.74 11.46
C ALA B 116 21.42 -1.62 12.78
N ARG B 117 20.73 -0.51 13.00
CA ARG B 117 19.97 -0.27 14.24
C ARG B 117 18.98 -1.40 14.43
N GLU B 118 18.28 -1.74 13.36
CA GLU B 118 17.27 -2.80 13.43
C GLU B 118 17.85 -4.19 13.68
N LEU B 119 18.96 -4.51 13.05
CA LEU B 119 19.65 -5.75 13.27
C LEU B 119 20.10 -5.94 14.71
N LEU B 120 20.59 -4.84 15.27
CA LEU B 120 21.18 -4.80 16.59
C LEU B 120 20.12 -4.95 17.68
N ARG B 121 18.85 -4.76 17.35
CA ARG B 121 17.78 -5.09 18.31
C ARG B 121 17.65 -6.59 18.53
N HIS B 122 18.23 -7.42 17.66
CA HIS B 122 18.20 -8.87 17.82
C HIS B 122 19.24 -9.32 18.87
N LYS B 123 18.73 -9.97 19.90
CA LYS B 123 19.57 -10.45 20.98
C LYS B 123 20.47 -11.60 20.60
N THR B 124 20.16 -12.30 19.51
CA THR B 124 21.01 -13.37 18.99
C THR B 124 22.24 -12.86 18.27
N ILE B 125 22.26 -11.57 17.86
CA ILE B 125 23.32 -11.07 16.99
C ILE B 125 24.56 -10.74 17.82
N ASP B 126 25.68 -11.29 17.39
CA ASP B 126 27.04 -11.04 17.91
C ASP B 126 27.78 -10.00 17.11
N LYS B 127 27.56 -10.00 15.79
CA LYS B 127 28.31 -9.15 14.89
C LYS B 127 27.50 -8.69 13.65
N VAL B 128 27.56 -7.37 13.38
CA VAL B 128 27.02 -6.76 12.20
C VAL B 128 28.16 -6.07 11.50
N VAL B 129 28.39 -6.41 10.23
CA VAL B 129 29.33 -5.69 9.40
C VAL B 129 28.54 -4.81 8.47
N MET B 130 28.75 -3.49 8.56
CA MET B 130 28.15 -2.50 7.64
C MET B 130 29.20 -2.17 6.63
N CYS B 131 28.99 -2.57 5.40
CA CYS B 131 29.94 -2.30 4.31
C CYS B 131 29.38 -1.31 3.31
N ASP B 132 29.70 -0.05 3.48
CA ASP B 132 29.21 1.01 2.55
C ASP B 132 30.39 1.58 1.75
N ILE B 133 30.16 1.82 0.46
CA ILE B 133 31.19 2.36 -0.40
C ILE B 133 31.58 3.82 -0.08
N ASP B 134 30.68 4.55 0.57
CA ASP B 134 30.84 6.00 0.73
C ASP B 134 30.99 6.37 2.20
N GLU B 135 32.25 6.58 2.58
CA GLU B 135 32.57 7.09 3.91
C GLU B 135 31.86 8.36 4.27
N GLU B 136 31.57 9.24 3.31
CA GLU B 136 30.85 10.51 3.63
C GLU B 136 29.43 10.27 4.08
N VAL B 137 28.79 9.28 3.49
CA VAL B 137 27.45 8.90 3.97
C VAL B 137 27.50 8.42 5.39
N VAL B 138 28.45 7.54 5.70
CA VAL B 138 28.56 6.96 7.06
C VAL B 138 28.82 8.03 8.10
N GLU B 139 29.86 8.83 7.84
CA GLU B 139 30.21 9.94 8.76
C GLU B 139 29.07 10.97 8.91
N PHE B 140 28.42 11.32 7.83
CA PHE B 140 27.32 12.25 7.90
C PHE B 140 26.16 11.72 8.81
N CYS B 141 25.68 10.52 8.49
CA CYS B 141 24.60 9.88 9.25
C CYS B 141 24.91 9.55 10.70
N LYS B 142 26.13 9.09 10.95
CA LYS B 142 26.60 8.92 12.30
C LYS B 142 26.48 10.19 13.15
N SER B 143 26.77 11.34 12.56
CA SER B 143 26.62 12.59 13.25
C SER B 143 25.22 13.17 13.28
N TYR B 144 24.48 13.03 12.20
CA TYR B 144 23.23 13.78 12.05
C TYR B 144 21.92 12.96 12.02
N LEU B 145 21.97 11.67 11.74
CA LEU B 145 20.79 10.81 11.93
C LEU B 145 20.85 10.17 13.30
N VAL B 146 20.44 10.95 14.29
CA VAL B 146 20.70 10.62 15.67
C VAL B 146 19.82 9.52 16.21
N VAL B 147 18.79 9.15 15.48
CA VAL B 147 18.06 7.87 15.74
C VAL B 147 19.00 6.65 15.79
N ASN B 148 20.11 6.72 15.07
CA ASN B 148 21.06 5.63 14.93
C ASN B 148 22.30 5.76 15.77
N LYS B 149 22.29 6.72 16.70
CA LYS B 149 23.49 7.04 17.48
C LYS B 149 23.96 5.83 18.27
N GLU B 150 23.05 5.18 18.97
CA GLU B 150 23.39 4.01 19.79
C GLU B 150 23.82 2.82 18.93
N ALA B 151 23.18 2.66 17.76
CA ALA B 151 23.60 1.66 16.79
C ALA B 151 25.03 1.87 16.38
N PHE B 152 25.38 3.10 15.98
CA PHE B 152 26.74 3.37 15.53
C PHE B 152 27.79 3.13 16.62
N HIS B 153 27.38 3.23 17.89
CA HIS B 153 28.28 3.02 19.04
C HIS B 153 28.18 1.64 19.69
N ASP B 154 27.40 0.75 19.06
CA ASP B 154 27.28 -0.63 19.53
C ASP B 154 28.55 -1.35 19.22
N SER B 155 29.15 -1.99 20.25
CA SER B 155 30.43 -2.70 20.09
C SER B 155 30.34 -3.87 19.09
N ARG B 156 29.14 -4.32 18.78
CA ARG B 156 28.92 -5.37 17.78
C ARG B 156 29.02 -4.93 16.32
N LEU B 157 28.96 -3.63 16.06
CA LEU B 157 28.98 -3.10 14.72
C LEU B 157 30.40 -2.93 14.27
N GLU B 158 30.72 -3.40 13.08
CA GLU B 158 32.00 -3.10 12.44
C GLU B 158 31.65 -2.39 11.15
N VAL B 159 32.17 -1.19 10.94
CA VAL B 159 32.00 -0.47 9.69
C VAL B 159 33.16 -0.74 8.77
N VAL B 160 32.85 -1.12 7.55
CA VAL B 160 33.83 -1.28 6.53
C VAL B 160 33.51 -0.33 5.40
N ILE B 161 34.51 0.43 4.94
CA ILE B 161 34.32 1.33 3.77
C ILE B 161 34.83 0.66 2.52
N ASN B 162 33.94 0.20 1.67
CA ASN B 162 34.38 -0.56 0.49
C ASN B 162 33.17 -0.87 -0.34
N ASP B 163 33.42 -1.14 -1.62
CA ASP B 163 32.41 -1.74 -2.48
C ASP B 163 32.11 -3.13 -1.91
N ALA B 164 30.83 -3.43 -1.73
CA ALA B 164 30.46 -4.61 -1.03
C ALA B 164 30.85 -5.90 -1.79
N LYS B 165 30.83 -5.83 -3.11
CA LYS B 165 31.12 -7.00 -3.94
C LYS B 165 32.61 -7.34 -3.74
N ALA B 166 33.48 -6.31 -3.81
CA ALA B 166 34.91 -6.48 -3.50
C ALA B 166 35.15 -6.99 -2.08
N GLU B 167 34.45 -6.47 -1.09
CA GLU B 167 34.60 -6.94 0.27
C GLU B 167 34.25 -8.43 0.45
N LEU B 168 33.11 -8.83 -0.10
CA LEU B 168 32.65 -10.21 -0.01
C LEU B 168 33.60 -11.17 -0.73
N GLU B 169 34.02 -10.82 -1.95
CA GLU B 169 34.98 -11.61 -2.72
C GLU B 169 36.34 -11.75 -2.03
N GLY B 170 36.74 -10.74 -1.28
CA GLY B 170 38.06 -10.67 -0.74
C GLY B 170 38.23 -11.33 0.59
N LYS B 171 37.17 -11.48 1.38
CA LYS B 171 37.24 -12.15 2.71
C LYS B 171 36.53 -13.51 2.66
N GLU B 172 37.02 -14.44 3.48
CA GLU B 172 36.48 -15.80 3.59
C GLU B 172 35.27 -15.94 4.55
N GLU B 173 35.08 -14.99 5.47
CA GLU B 173 34.06 -15.11 6.50
C GLU B 173 32.64 -15.34 5.89
N LYS B 174 31.90 -16.26 6.47
CA LYS B 174 30.56 -16.57 6.04
C LYS B 174 29.61 -16.02 7.07
N TYR B 175 28.37 -15.78 6.64
CA TYR B 175 27.37 -15.14 7.44
C TYR B 175 26.05 -15.91 7.45
N ASP B 176 25.30 -15.71 8.52
CA ASP B 176 23.97 -16.27 8.69
C ASP B 176 22.93 -15.49 7.88
N VAL B 177 23.08 -14.17 7.78
CA VAL B 177 22.20 -13.36 6.96
C VAL B 177 23.06 -12.33 6.26
N ILE B 178 22.79 -12.13 4.96
CA ILE B 178 23.37 -10.99 4.23
C ILE B 178 22.18 -10.10 3.79
N VAL B 179 22.32 -8.79 3.97
CA VAL B 179 21.27 -7.81 3.73
C VAL B 179 21.70 -6.82 2.60
N GLY B 180 21.01 -6.79 1.47
CA GLY B 180 21.24 -5.79 0.46
C GLY B 180 20.41 -4.54 0.75
N ASP B 181 21.07 -3.42 1.03
CA ASP B 181 20.39 -2.14 1.22
C ASP B 181 21.00 -1.12 0.23
N LEU B 182 21.03 -1.49 -1.04
CA LEU B 182 21.65 -0.69 -2.07
C LEU B 182 20.58 0.00 -2.93
N ALA B 183 21.03 0.79 -3.90
CA ALA B 183 20.12 1.37 -4.87
C ALA B 183 19.61 0.29 -5.83
N ASP B 184 18.56 0.61 -6.59
CA ASP B 184 17.98 -0.30 -7.59
C ASP B 184 19.05 -0.61 -8.64
N PRO B 185 18.96 -1.79 -9.26
CA PRO B 185 19.86 -2.15 -10.36
C PRO B 185 19.48 -1.38 -11.64
N ILE B 186 20.28 -0.44 -12.08
CA ILE B 186 20.03 0.21 -13.36
C ILE B 186 21.21 -0.14 -14.25
N GLU B 187 20.95 -0.69 -15.45
CA GLU B 187 22.03 -1.04 -16.38
C GLU B 187 22.97 0.16 -16.50
N GLY B 188 24.27 -0.13 -16.55
CA GLY B 188 25.29 0.91 -16.54
C GLY B 188 25.55 1.61 -15.21
N GLY B 189 24.75 1.32 -14.17
CA GLY B 189 24.87 2.02 -12.88
C GLY B 189 25.76 1.34 -11.86
N PRO B 190 26.11 2.05 -10.77
CA PRO B 190 27.06 1.53 -9.76
C PRO B 190 26.63 0.25 -8.99
N CYS B 191 25.33 0.02 -8.78
CA CYS B 191 24.87 -1.12 -7.94
C CYS B 191 24.42 -2.35 -8.71
N TYR B 192 24.26 -2.21 -10.02
CA TYR B 192 23.76 -3.28 -10.89
C TYR B 192 24.45 -4.58 -10.62
N LYS B 193 25.77 -4.57 -10.58
CA LYS B 193 26.52 -5.83 -10.50
C LYS B 193 26.21 -6.64 -9.21
N LEU B 194 25.63 -6.00 -8.18
CA LEU B 194 25.25 -6.70 -6.95
C LEU B 194 23.83 -7.30 -6.98
N TYR B 195 23.22 -7.36 -8.16
CA TYR B 195 21.92 -7.97 -8.41
C TYR B 195 21.98 -9.01 -9.53
N THR B 196 23.16 -9.34 -10.05
CA THR B 196 23.23 -10.30 -11.15
C THR B 196 23.17 -11.77 -10.67
N LYS B 197 22.75 -12.63 -11.57
CA LYS B 197 22.78 -14.05 -11.30
C LYS B 197 24.17 -14.52 -10.87
N ASP B 198 25.20 -14.05 -11.56
CA ASP B 198 26.56 -14.45 -11.25
C ASP B 198 27.03 -13.94 -9.88
N PHE B 199 26.60 -12.74 -9.52
CA PHE B 199 26.91 -12.26 -8.19
C PHE B 199 26.29 -13.20 -7.11
N TYR B 200 25.01 -13.47 -7.22
CA TYR B 200 24.33 -14.30 -6.25
C TYR B 200 24.89 -15.73 -6.13
N GLU B 201 25.19 -16.28 -7.28
CA GLU B 201 25.65 -17.65 -7.38
C GLU B 201 27.11 -17.79 -6.98
N LEU B 202 27.99 -16.94 -7.48
CA LEU B 202 29.43 -17.12 -7.25
C LEU B 202 30.03 -16.32 -6.11
N THR B 203 29.50 -15.14 -5.83
CA THR B 203 30.02 -14.32 -4.75
C THR B 203 29.19 -14.48 -3.48
N LEU B 204 27.85 -14.34 -3.60
CA LEU B 204 27.00 -14.28 -2.44
C LEU B 204 26.74 -15.62 -1.72
N LYS B 205 26.28 -16.65 -2.42
CA LYS B 205 25.95 -17.92 -1.79
C LYS B 205 27.13 -18.59 -1.09
N PRO B 206 28.35 -18.51 -1.67
CA PRO B 206 29.49 -19.08 -0.92
C PRO B 206 29.75 -18.42 0.42
N LYS B 207 29.23 -17.19 0.62
CA LYS B 207 29.47 -16.49 1.88
CA LYS B 207 29.42 -16.43 1.85
C LYS B 207 28.29 -16.59 2.85
N LEU B 208 27.30 -17.40 2.50
CA LEU B 208 26.22 -17.78 3.44
C LEU B 208 26.55 -19.13 4.09
N LYS B 209 26.37 -19.22 5.40
CA LYS B 209 26.45 -20.50 6.12
C LYS B 209 25.26 -21.34 5.77
N LYS B 210 25.34 -22.61 6.14
CA LYS B 210 24.19 -23.48 6.07
C LYS B 210 23.05 -22.84 6.87
N GLY B 211 21.84 -22.86 6.29
CA GLY B 211 20.69 -22.21 6.84
C GLY B 211 20.66 -20.71 6.59
N GLY B 212 21.58 -20.20 5.77
CA GLY B 212 21.76 -18.76 5.59
C GLY B 212 20.60 -18.16 4.81
N ILE B 213 20.27 -16.91 5.10
CA ILE B 213 19.23 -16.20 4.42
C ILE B 213 19.82 -14.91 3.84
N PHE B 214 19.54 -14.68 2.57
CA PHE B 214 19.75 -13.39 1.92
C PHE B 214 18.41 -12.62 1.91
N VAL B 215 18.48 -11.30 2.13
CA VAL B 215 17.33 -10.43 1.82
C VAL B 215 17.89 -9.20 1.11
N THR B 216 17.17 -8.74 0.09
CA THR B 216 17.53 -7.45 -0.53
C THR B 216 16.26 -6.63 -0.72
N GLN B 217 16.45 -5.32 -0.65
CA GLN B 217 15.45 -4.38 -1.09
C GLN B 217 15.31 -4.62 -2.56
N ALA B 218 14.12 -4.43 -3.07
CA ALA B 218 13.87 -4.79 -4.46
C ALA B 218 13.03 -3.75 -5.25
N GLY B 219 13.16 -2.49 -4.84
CA GLY B 219 12.60 -1.36 -5.56
C GLY B 219 11.08 -1.25 -5.40
N PRO B 220 10.44 -0.43 -6.25
CA PRO B 220 8.99 -0.23 -6.19
C PRO B 220 8.19 -1.51 -6.42
N ALA B 221 7.06 -1.64 -5.73
CA ALA B 221 6.26 -2.85 -5.85
C ALA B 221 4.79 -2.46 -5.99
N GLY B 222 4.54 -1.32 -6.61
CA GLY B 222 3.18 -0.88 -6.85
C GLY B 222 2.53 -1.67 -7.98
N ILE B 223 1.24 -1.46 -8.11
CA ILE B 223 0.44 -2.19 -9.11
C ILE B 223 1.00 -2.02 -10.52
N PHE B 224 1.47 -0.82 -10.87
CA PHE B 224 2.18 -0.66 -12.13
C PHE B 224 3.70 -0.69 -11.98
N SER B 225 4.19 -0.15 -10.89
CA SER B 225 5.63 0.07 -10.76
C SER B 225 6.43 -1.24 -10.49
N HIS B 226 5.75 -2.32 -10.08
CA HIS B 226 6.41 -3.59 -9.75
C HIS B 226 7.22 -4.24 -10.88
N THR B 227 6.92 -3.84 -12.11
CA THR B 227 7.59 -4.40 -13.29
C THR B 227 8.97 -3.77 -13.55
N GLU B 228 9.28 -2.66 -12.91
CA GLU B 228 10.54 -1.96 -13.20
C GLU B 228 11.76 -2.78 -12.80
N VAL B 229 11.85 -3.17 -11.53
CA VAL B 229 12.93 -4.02 -11.04
C VAL B 229 12.47 -5.18 -10.10
N PHE B 230 11.34 -5.00 -9.42
CA PHE B 230 10.92 -5.99 -8.39
C PHE B 230 10.77 -7.39 -9.01
N SER B 231 10.06 -7.48 -10.11
CA SER B 231 9.90 -8.80 -10.73
C SER B 231 11.21 -9.38 -11.22
N CYS B 232 12.13 -8.55 -11.70
CA CYS B 232 13.41 -9.06 -12.22
C CYS B 232 14.30 -9.55 -11.11
N ILE B 233 14.29 -8.83 -9.99
CA ILE B 233 15.06 -9.25 -8.84
C ILE B 233 14.54 -10.61 -8.30
N TYR B 234 13.25 -10.71 -8.14
CA TYR B 234 12.62 -11.95 -7.73
C TYR B 234 13.05 -13.12 -8.70
N ASN B 235 12.86 -12.86 -9.98
CA ASN B 235 13.22 -13.90 -10.98
C ASN B 235 14.70 -14.27 -10.96
N THR B 236 15.57 -13.27 -10.80
CA THR B 236 17.00 -13.50 -10.77
C THR B 236 17.33 -14.37 -9.57
N LEU B 237 16.82 -14.02 -8.40
CA LEU B 237 17.05 -14.82 -7.21
C LEU B 237 16.56 -16.26 -7.38
N ARG B 238 15.40 -16.42 -8.01
CA ARG B 238 14.80 -17.73 -8.33
C ARG B 238 15.74 -18.66 -9.10
N GLN B 239 16.69 -18.11 -9.86
CA GLN B 239 17.63 -18.92 -10.65
C GLN B 239 18.76 -19.48 -9.81
N VAL B 240 18.90 -18.99 -8.58
CA VAL B 240 20.05 -19.31 -7.78
C VAL B 240 19.69 -20.00 -6.45
N PHE B 241 18.61 -19.53 -5.78
CA PHE B 241 18.24 -20.01 -4.46
C PHE B 241 16.97 -20.83 -4.58
N LYS B 242 16.86 -21.88 -3.76
CA LYS B 242 15.75 -22.80 -3.87
C LYS B 242 14.42 -22.16 -3.46
N TYR B 243 14.46 -21.33 -2.42
CA TYR B 243 13.27 -20.75 -1.83
C TYR B 243 13.45 -19.24 -1.92
N VAL B 244 12.47 -18.57 -2.50
CA VAL B 244 12.51 -17.14 -2.73
C VAL B 244 11.15 -16.57 -2.38
N VAL B 245 11.08 -15.62 -1.44
CA VAL B 245 9.80 -15.10 -0.95
C VAL B 245 9.77 -13.55 -1.14
N PRO B 246 9.00 -13.07 -2.12
CA PRO B 246 8.88 -11.62 -2.31
C PRO B 246 7.80 -11.05 -1.42
N TYR B 247 7.98 -9.82 -0.98
CA TYR B 247 7.01 -9.19 -0.09
C TYR B 247 7.09 -7.67 -0.23
N SER B 248 6.04 -6.98 0.22
CA SER B 248 5.93 -5.55 -0.03
C SER B 248 5.11 -4.83 1.02
N ALA B 249 5.30 -3.51 1.13
CA ALA B 249 4.59 -2.69 2.07
C ALA B 249 4.61 -1.27 1.61
N HIS B 250 3.57 -0.55 1.94
CA HIS B 250 3.49 0.86 1.62
C HIS B 250 4.44 1.69 2.51
N ILE B 251 5.14 2.65 1.88
CA ILE B 251 5.90 3.65 2.63
C ILE B 251 5.35 5.03 2.23
N PRO B 252 4.67 5.71 3.14
CA PRO B 252 3.99 6.96 2.73
C PRO B 252 4.89 7.99 2.07
N SER B 253 6.07 8.19 2.63
CA SER B 253 6.96 9.20 2.08
C SER B 253 7.48 8.85 0.64
N TYR B 254 7.41 7.58 0.25
CA TYR B 254 7.89 7.13 -1.06
C TYR B 254 6.81 7.24 -2.08
N ALA B 255 5.56 7.51 -1.67
CA ALA B 255 4.44 7.59 -2.60
C ALA B 255 4.28 6.28 -3.43
N ASP B 256 4.56 5.16 -2.79
CA ASP B 256 4.46 3.85 -3.44
C ASP B 256 4.60 2.76 -2.43
N ILE B 257 4.26 1.59 -2.90
CA ILE B 257 4.57 0.32 -2.25
C ILE B 257 6.04 0.02 -2.56
N TRP B 258 6.76 -0.42 -1.54
CA TRP B 258 8.13 -0.88 -1.75
C TRP B 258 8.21 -2.39 -1.58
N GLY B 259 9.25 -2.98 -2.16
CA GLY B 259 9.47 -4.42 -2.10
C GLY B 259 10.82 -4.88 -1.59
N TRP B 260 10.81 -6.11 -1.12
CA TRP B 260 11.98 -6.84 -0.61
C TRP B 260 11.84 -8.29 -1.01
N VAL B 261 12.97 -9.01 -1.12
CA VAL B 261 12.94 -10.43 -1.40
C VAL B 261 13.86 -11.20 -0.48
N LEU B 262 13.31 -12.24 0.17
CA LEU B 262 14.07 -13.21 0.93
C LEU B 262 14.48 -14.34 0.00
N ALA B 263 15.68 -14.87 0.20
CA ALA B 263 16.16 -16.01 -0.57
C ALA B 263 17.02 -16.92 0.30
N SER B 264 16.84 -18.22 0.15
CA SER B 264 17.55 -19.15 1.00
C SER B 264 17.49 -20.53 0.34
N ASP B 265 18.47 -21.35 0.67
CA ASP B 265 18.42 -22.79 0.29
C ASP B 265 17.75 -23.69 1.34
N SER B 266 17.35 -23.11 2.48
CA SER B 266 16.50 -23.78 3.44
C SER B 266 15.11 -23.10 3.40
N PRO B 267 14.07 -23.83 3.76
CA PRO B 267 12.69 -23.27 3.63
C PRO B 267 12.43 -21.98 4.43
N LEU B 268 11.49 -21.21 3.93
CA LEU B 268 11.09 -19.92 4.45
C LEU B 268 9.58 -19.99 4.60
N ASP B 269 9.10 -20.55 5.70
CA ASP B 269 7.70 -20.86 5.85
C ASP B 269 7.40 -20.94 7.35
N LEU B 270 6.98 -19.82 7.89
CA LEU B 270 6.62 -19.78 9.30
C LEU B 270 5.24 -19.16 9.39
N SER B 271 4.43 -19.63 10.33
CA SER B 271 3.14 -18.98 10.60
C SER B 271 3.30 -17.55 11.25
N ALA B 272 2.26 -16.77 11.16
CA ALA B 272 2.19 -15.49 11.82
C ALA B 272 2.51 -15.59 13.35
N GLU B 273 1.96 -16.60 14.03
CA GLU B 273 2.16 -16.77 15.46
C GLU B 273 3.59 -17.21 15.75
N GLU B 274 4.14 -18.11 14.92
CA GLU B 274 5.52 -18.50 15.10
C GLU B 274 6.42 -17.26 15.00
N LEU B 275 6.13 -16.38 14.03
CA LEU B 275 6.92 -15.16 13.86
C LEU B 275 6.78 -14.26 15.09
N ASP B 276 5.55 -14.13 15.60
CA ASP B 276 5.33 -13.31 16.79
C ASP B 276 6.10 -13.79 18.03
N ILE B 277 6.08 -15.10 18.25
CA ILE B 277 6.79 -15.72 19.39
C ILE B 277 8.27 -15.43 19.29
N ARG B 278 8.85 -15.65 18.10
CA ARG B 278 10.23 -15.30 17.83
C ARG B 278 10.53 -13.80 18.09
N MET B 279 9.65 -12.89 17.68
CA MET B 279 9.90 -11.47 17.92
C MET B 279 9.97 -11.10 19.41
N ARG B 280 9.03 -11.64 20.16
CA ARG B 280 8.97 -11.37 21.60
C ARG B 280 10.17 -11.95 22.33
N GLN B 281 10.62 -13.14 21.92
CA GLN B 281 11.80 -13.74 22.53
C GLN B 281 13.08 -13.03 22.12
N ARG B 282 13.24 -12.71 20.84
CA ARG B 282 14.55 -12.35 20.28
C ARG B 282 14.84 -10.89 20.02
N ILE B 283 13.80 -10.07 19.88
CA ILE B 283 13.99 -8.69 19.51
C ILE B 283 13.74 -7.83 20.75
N ILE B 284 14.68 -6.94 21.08
CA ILE B 284 14.46 -5.95 22.13
C ILE B 284 13.41 -4.94 21.66
N GLU B 285 12.53 -4.51 22.58
CA GLU B 285 11.43 -3.58 22.29
C GLU B 285 10.35 -4.13 21.29
N GLU B 286 9.20 -3.47 21.22
CA GLU B 286 8.16 -3.85 20.30
C GLU B 286 8.49 -3.24 18.93
N ASN B 287 8.36 -4.02 17.89
CA ASN B 287 8.29 -3.47 16.53
C ASN B 287 7.10 -2.53 16.42
N ARG B 288 7.24 -1.49 15.60
CA ARG B 288 6.13 -0.58 15.39
C ARG B 288 5.29 -0.86 14.17
N TYR B 289 5.88 -1.52 13.18
CA TYR B 289 5.20 -1.80 11.95
C TYR B 289 4.84 -3.27 11.91
N LEU B 290 5.83 -4.14 12.15
CA LEU B 290 5.73 -5.50 11.73
C LEU B 290 5.35 -6.44 12.87
N ASP B 291 4.24 -7.17 12.72
CA ASP B 291 4.02 -8.44 13.43
C ASP B 291 3.92 -9.58 12.44
N GLY B 292 3.61 -10.77 12.92
CA GLY B 292 3.52 -11.95 12.04
C GLY B 292 2.46 -11.87 10.99
N LYS B 293 1.28 -11.48 11.39
CA LYS B 293 0.21 -11.22 10.43
C LYS B 293 0.57 -10.20 9.38
N THR B 294 1.27 -9.15 9.78
CA THR B 294 1.72 -8.12 8.83
C THR B 294 2.62 -8.77 7.79
N PHE B 295 3.53 -9.62 8.21
CA PHE B 295 4.38 -10.24 7.24
C PHE B 295 3.64 -11.19 6.30
N VAL B 296 2.71 -11.96 6.83
CA VAL B 296 1.90 -12.86 6.02
C VAL B 296 1.13 -12.09 4.94
N SER B 297 0.45 -11.03 5.34
CA SER B 297 -0.14 -10.07 4.40
C SER B 297 0.86 -9.47 3.39
N SER B 298 2.02 -9.01 3.87
CA SER B 298 3.03 -8.44 2.95
C SER B 298 3.43 -9.40 1.88
N SER B 299 3.50 -10.68 2.25
CA SER B 299 3.99 -11.73 1.35
C SER B 299 2.92 -12.36 0.48
N THR B 300 1.69 -11.90 0.64
CA THR B 300 0.58 -12.27 -0.22
C THR B 300 0.37 -11.08 -1.16
N LEU B 301 0.97 -11.19 -2.29
CA LEU B 301 0.91 -10.14 -3.29
C LEU B 301 -0.43 -10.20 -4.03
N SER B 302 -0.77 -9.12 -4.71
CA SER B 302 -2.07 -8.98 -5.38
C SER B 302 -2.00 -9.76 -6.71
N LYS B 303 -3.17 -9.99 -7.28
CA LYS B 303 -3.33 -10.81 -8.48
C LYS B 303 -2.33 -10.44 -9.57
N ALA B 304 -2.27 -9.15 -9.92
CA ALA B 304 -1.46 -8.73 -11.09
C ALA B 304 0.06 -8.80 -10.78
N VAL B 305 0.42 -8.56 -9.53
CA VAL B 305 1.79 -8.56 -9.14
C VAL B 305 2.30 -10.01 -9.09
N ARG B 306 1.55 -10.90 -8.48
CA ARG B 306 1.83 -12.34 -8.52
C ARG B 306 1.99 -12.86 -9.95
N ASN B 307 1.03 -12.54 -10.79
CA ASN B 307 1.08 -12.88 -12.21
C ASN B 307 2.39 -12.40 -12.91
N SER B 308 2.86 -11.16 -12.63
CA SER B 308 4.10 -10.64 -13.30
C SER B 308 5.29 -11.39 -12.76
N LEU B 309 5.32 -11.61 -11.45
CA LEU B 309 6.44 -12.32 -10.86
C LEU B 309 6.56 -13.75 -11.40
N ASN B 310 5.43 -14.46 -11.46
CA ASN B 310 5.36 -15.80 -12.00
C ASN B 310 5.80 -15.90 -13.48
N ASN B 311 5.36 -14.96 -14.31
CA ASN B 311 5.70 -14.96 -15.76
C ASN B 311 7.00 -14.26 -16.15
N GLU B 312 7.70 -13.65 -15.20
CA GLU B 312 8.89 -12.89 -15.51
C GLU B 312 9.95 -13.79 -16.10
N THR B 313 10.59 -13.40 -17.19
CA THR B 313 11.71 -14.20 -17.71
C THR B 313 13.06 -13.48 -17.68
N HIS B 314 13.06 -12.17 -17.40
CA HIS B 314 14.29 -11.41 -17.41
C HIS B 314 15.15 -11.79 -16.23
N VAL B 315 16.45 -11.97 -16.48
CA VAL B 315 17.40 -12.33 -15.48
C VAL B 315 18.50 -11.30 -15.59
N TYR B 316 18.92 -10.70 -14.47
CA TYR B 316 20.03 -9.78 -14.52
C TYR B 316 21.35 -10.54 -14.65
N THR B 317 22.13 -10.22 -15.68
CA THR B 317 23.42 -10.87 -15.91
C THR B 317 24.48 -9.83 -16.21
N GLU B 318 25.74 -10.19 -15.96
CA GLU B 318 26.89 -9.42 -16.47
C GLU B 318 28.17 -10.25 -16.53
C1 B3P C . -11.87 11.15 -2.81
C2 B3P C . -10.38 10.96 -2.58
C3 B3P C . -12.51 9.77 -2.75
N1 B3P C . -13.92 9.80 -3.12
C4 B3P C . -14.70 8.57 -3.20
C5 B3P C . -16.13 9.01 -3.59
C6 B3P C . -14.08 7.63 -4.24
C7 B3P C . -14.67 7.84 -1.85
N2 B3P C . -9.68 12.23 -2.51
C8 B3P C . -8.28 12.31 -2.15
C9 B3P C . -7.94 13.80 -2.22
C10 B3P C . -7.44 11.46 -3.13
C11 B3P C . -8.05 11.82 -0.72
O1 B3P C . -8.34 14.32 -3.49
O2 B3P C . -6.05 11.63 -2.79
O3 B3P C . -9.07 12.27 0.17
O4 B3P C . -17.02 7.90 -3.64
O5 B3P C . -13.72 8.35 -5.42
O6 B3P C . -15.06 8.67 -0.73
CS MTA D . -17.44 12.75 -3.82
S5' MTA D . -18.91 12.38 -2.94
C5' MTA D . -19.38 10.93 -3.83
C4' MTA D . -20.80 11.09 -4.37
O4' MTA D . -21.72 11.21 -3.30
C2' MTA D . -22.04 13.16 -4.53
O2' MTA D . -22.88 13.80 -5.48
C3' MTA D . -20.98 12.34 -5.22
O3' MTA D . -21.33 11.93 -6.54
C1' MTA D . -22.75 12.10 -3.72
N9 MTA D . -23.42 12.48 -2.47
C8 MTA D . -23.01 13.31 -1.51
N7 MTA D . -23.89 13.32 -0.47
C5 MTA D . -24.86 12.45 -0.79
C6 MTA D . -26.10 12.00 -0.15
N6 MTA D . -26.45 12.48 1.07
N1 MTA D . -26.83 11.08 -0.80
C2 MTA D . -26.47 10.61 -2.02
N3 MTA D . -25.35 10.98 -2.67
C4 MTA D . -24.55 11.90 -2.09
C1 GOL E . -19.95 -9.39 18.00
O1 GOL E . -19.71 -8.02 17.74
C2 GOL E . -18.64 -10.02 18.45
O2 GOL E . -17.60 -9.74 17.50
C3 GOL E . -18.78 -11.53 18.50
O3 GOL E . -19.92 -11.99 19.23
C1 GOL F . -14.63 -21.39 6.88
O1 GOL F . -13.27 -21.83 6.74
C2 GOL F . -15.40 -21.59 5.58
O2 GOL F . -14.64 -21.21 4.44
C3 GOL F . -16.73 -20.83 5.56
O3 GOL F . -17.85 -21.71 5.74
C1 B3P G . 15.13 5.40 -2.40
C2 B3P G . 15.27 4.09 -1.62
C3 B3P G . 13.67 5.73 -2.69
N1 B3P G . 13.58 6.91 -3.57
C4 B3P G . 12.31 7.30 -4.21
C5 B3P G . 12.33 8.76 -4.67
C6 B3P G . 12.08 6.36 -5.39
C7 B3P G . 11.15 7.19 -3.21
N2 B3P G . 16.63 3.80 -1.21
C8 B3P G . 16.89 2.63 -0.37
C9 B3P G . 18.36 2.54 0.07
C10 B3P G . 16.48 1.38 -1.15
C11 B3P G . 16.12 2.80 0.95
O1 B3P G . 19.16 2.38 -1.09
O2 B3P G . 16.98 1.39 -2.50
O3 B3P G . 16.26 4.13 1.41
O4 B3P G . 13.52 9.02 -5.38
O5 B3P G . 10.82 6.61 -6.02
O6 B3P G . 11.40 7.98 -2.03
CS MTA H . 21.39 5.19 -2.56
S5' MTA H . 22.43 3.77 -2.44
C5' MTA H . 22.24 3.35 -0.75
C4' MTA H . 23.61 3.16 -0.12
O4' MTA H . 24.41 2.17 -0.80
C2' MTA H . 25.64 4.17 -0.97
O2' MTA H . 26.86 4.80 -0.54
C3' MTA H . 24.44 4.44 -0.08
O3' MTA H . 24.78 4.59 1.30
C1' MTA H . 25.76 2.65 -0.86
N9 MTA H . 26.41 1.94 -1.98
C8 MTA H . 26.25 2.18 -3.29
N7 MTA H . 26.99 1.29 -4.00
C5 MTA H . 27.55 0.44 -3.12
C6 MTA H . 28.42 -0.72 -3.19
N6 MTA H . 28.80 -1.16 -4.40
N1 MTA H . 28.83 -1.33 -2.06
C2 MTA H . 28.47 -0.89 -0.84
N3 MTA H . 27.67 0.20 -0.71
C4 MTA H . 27.19 0.88 -1.79
C1 GOL I . 15.80 2.74 -5.04
O1 GOL I . 15.76 1.40 -4.58
C2 GOL I . 17.26 3.02 -5.30
O2 GOL I . 17.57 3.16 -6.72
C3 GOL I . 17.81 4.22 -4.57
O3 GOL I . 18.14 4.00 -3.21
#